data_8J97
#
_entry.id   8J97
#
_cell.length_a   1.00
_cell.length_b   1.00
_cell.length_c   1.00
_cell.angle_alpha   90.00
_cell.angle_beta   90.00
_cell.angle_gamma   90.00
#
_symmetry.space_group_name_H-M   'P 1'
#
loop_
_entity.id
_entity.type
_entity.pdbx_description
1 polymer Beta-arrestin-1
2 polymer 'Fab30 Heavy Chain'
3 polymer 'Fab30 Light Chain'
4 polymer 'Muscarinic acetylcholine receptor M2'
#
loop_
_entity_poly.entity_id
_entity_poly.type
_entity_poly.pdbx_seq_one_letter_code
_entity_poly.pdbx_strand_id
1 'polypeptide(L)'
;GTRVFKKASPNGKLTVYLGKRDFVDHIDLVEPVDGVVLVDPEYLKERRVYVTLTCAFRYGREDLDVLGLTFRKDLFVANV
QSFPPAPEDKKPLTRLQERLIKKLGEHAYPFTFEIPPNLPCSVTLQPGPEDTGKACGVDYEVKAFCAENLEEKIHKRNSV
RLVIRKVQYAPERPGPQPTAETTRQFLMSDKPLHLEASLDKEIYYHGEPISVNVHVTNNTNKTVKKIKISVRQYADICLF
NTAQYKCPVAMEEADDTVAPSSTFCKVYTLTPFLANNREKRGLALDGKLKHEDTNLASSTLLREGANREILGIIVSYKVK
VKLVVSRGGLLGDLASSDVAVELPFTLMHPKPK
;
A
2 'polypeptide(L)'
;VQLVESGGGLVQPGGSLRLSCAASGFNVYSSSIHWVRQAPGKGLEWVASISSYYGYTYYADSVKGRFTISADTSKNTAYL
QMNSLRAEDTAVYYCARSRQFWYSGLDYWGQGTLVTV
;
H
3 'polypeptide(L)'
;DIQMTQSPSSLSASVGDRVTITCRASQSVSSAVAWYQQKPGKAPKLLIYSASSLYSGVPSRFSGSRSGTDFTLTISSLQP
EDFATYYCQQYKYVPVTFGQGTKVEI
;
L
4 'polypeptide(L)' EN(TPO)V(SEP)(TPO)(SEP)LG V
#
# COMPACT_ATOMS: atom_id res chain seq x y z
N GLY A 1 -15.59 -15.77 -8.36
CA GLY A 1 -15.95 -15.29 -7.04
C GLY A 1 -16.37 -13.83 -7.00
N THR A 2 -15.37 -12.95 -6.85
CA THR A 2 -15.53 -11.50 -6.77
C THR A 2 -16.34 -11.06 -5.56
N ARG A 3 -16.16 -9.82 -5.13
CA ARG A 3 -16.81 -9.28 -3.94
C ARG A 3 -17.31 -7.88 -4.23
N VAL A 4 -18.36 -7.47 -3.51
CA VAL A 4 -18.98 -6.17 -3.68
C VAL A 4 -19.36 -5.61 -2.31
N PHE A 5 -19.39 -4.30 -2.19
CA PHE A 5 -19.72 -3.64 -0.94
C PHE A 5 -21.23 -3.43 -0.81
N LYS A 6 -21.75 -3.58 0.41
CA LYS A 6 -23.15 -3.30 0.74
C LYS A 6 -23.21 -2.35 1.92
N LYS A 7 -24.31 -1.60 2.00
CA LYS A 7 -24.56 -0.76 3.17
C LYS A 7 -26.06 -0.46 3.22
N ALA A 8 -26.52 -0.10 4.41
CA ALA A 8 -27.95 0.10 4.64
C ALA A 8 -28.15 1.23 5.64
N SER A 9 -29.37 1.78 5.64
CA SER A 9 -29.80 2.81 6.56
C SER A 9 -30.26 2.20 7.88
N PRO A 10 -30.21 2.97 8.97
CA PRO A 10 -30.67 2.44 10.25
C PRO A 10 -32.05 1.82 10.20
N ASN A 11 -32.93 2.35 9.36
CA ASN A 11 -34.26 1.76 9.21
C ASN A 11 -34.21 0.34 8.66
N GLY A 12 -33.08 -0.05 8.06
CA GLY A 12 -33.00 -1.34 7.41
C GLY A 12 -33.92 -1.39 6.20
N LYS A 13 -34.42 -0.22 5.82
CA LYS A 13 -35.42 -0.06 4.78
C LYS A 13 -34.81 0.10 3.39
N LEU A 14 -33.52 0.41 3.29
CA LEU A 14 -32.88 0.63 2.00
C LEU A 14 -31.51 -0.05 1.98
N THR A 15 -31.13 -0.55 0.80
CA THR A 15 -29.89 -1.29 0.61
C THR A 15 -29.22 -0.83 -0.68
N VAL A 16 -27.89 -0.68 -0.64
CA VAL A 16 -27.12 -0.15 -1.76
C VAL A 16 -25.93 -1.07 -2.02
N TYR A 17 -25.47 -1.07 -3.27
CA TYR A 17 -24.37 -1.92 -3.72
C TYR A 17 -23.36 -1.14 -4.56
N LEU A 18 -22.08 -1.46 -4.37
CA LEU A 18 -21.00 -1.05 -5.26
C LEU A 18 -20.05 -2.22 -5.46
N GLY A 19 -19.43 -2.28 -6.63
CA GLY A 19 -18.44 -3.30 -6.92
C GLY A 19 -17.01 -2.89 -6.69
N LYS A 20 -16.78 -1.60 -6.44
CA LYS A 20 -15.45 -1.06 -6.18
C LYS A 20 -15.64 0.14 -5.28
N ARG A 21 -14.54 0.61 -4.70
CA ARG A 21 -14.60 1.91 -4.04
C ARG A 21 -13.45 2.83 -4.42
N ASP A 22 -12.48 2.35 -5.20
CA ASP A 22 -11.51 3.19 -5.86
C ASP A 22 -11.84 3.21 -7.35
N PHE A 23 -12.21 4.38 -7.86
CA PHE A 23 -12.56 4.54 -9.26
C PHE A 23 -11.46 5.37 -9.92
N VAL A 24 -10.83 4.79 -10.95
CA VAL A 24 -9.59 5.33 -11.48
C VAL A 24 -9.88 6.48 -12.44
N ASP A 25 -8.96 7.42 -12.50
CA ASP A 25 -9.01 8.55 -13.41
C ASP A 25 -7.91 8.39 -14.45
N HIS A 26 -8.28 8.40 -15.72
CA HIS A 26 -7.34 8.27 -16.83
C HIS A 26 -7.02 9.60 -17.49
N ILE A 27 -7.35 10.71 -16.83
CA ILE A 27 -7.06 12.06 -17.29
C ILE A 27 -7.84 12.41 -18.56
N ASP A 28 -7.85 11.49 -19.53
CA ASP A 28 -8.69 11.68 -20.71
C ASP A 28 -10.13 11.24 -20.48
N LEU A 29 -10.38 10.46 -19.44
CA LEU A 29 -11.73 10.10 -19.04
C LEU A 29 -11.70 9.66 -17.59
N VAL A 30 -12.87 9.63 -16.97
CA VAL A 30 -13.05 9.16 -15.61
C VAL A 30 -14.10 8.06 -15.60
N GLU A 31 -13.87 7.03 -14.79
CA GLU A 31 -14.73 5.85 -14.80
C GLU A 31 -16.10 6.17 -14.23
N PRO A 32 -17.11 5.39 -14.60
CA PRO A 32 -18.43 5.55 -13.99
C PRO A 32 -18.53 4.82 -12.66
N VAL A 33 -19.48 5.27 -11.85
CA VAL A 33 -19.82 4.62 -10.59
C VAL A 33 -21.11 3.84 -10.87
N ASP A 34 -20.97 2.59 -11.28
CA ASP A 34 -22.09 1.77 -11.73
C ASP A 34 -22.52 0.79 -10.63
N GLY A 35 -23.57 1.15 -9.90
CA GLY A 35 -24.04 0.35 -8.79
C GLY A 35 -25.54 0.09 -8.89
N VAL A 36 -26.02 -0.74 -7.95
CA VAL A 36 -27.40 -1.22 -7.96
C VAL A 36 -27.99 -0.98 -6.58
N VAL A 37 -29.18 -0.39 -6.53
CA VAL A 37 -29.92 -0.16 -5.29
C VAL A 37 -31.08 -1.14 -5.23
N LEU A 38 -31.15 -1.91 -4.14
CA LEU A 38 -32.26 -2.80 -3.88
C LEU A 38 -33.29 -2.09 -3.01
N VAL A 39 -34.56 -2.20 -3.38
CA VAL A 39 -35.63 -1.40 -2.79
C VAL A 39 -36.64 -2.31 -2.11
N ASP A 40 -37.29 -1.80 -1.07
CA ASP A 40 -38.48 -2.41 -0.49
C ASP A 40 -39.67 -1.51 -0.82
N PRO A 41 -40.38 -1.69 -1.94
CA PRO A 41 -41.38 -0.70 -2.35
C PRO A 41 -42.43 -0.33 -1.31
N GLU A 42 -43.04 -1.32 -0.68
CA GLU A 42 -44.17 -1.00 0.18
C GLU A 42 -43.80 0.09 1.18
N TYR A 43 -42.71 -0.10 1.90
CA TYR A 43 -42.27 0.94 2.82
C TYR A 43 -41.76 2.18 2.10
N LEU A 44 -41.55 2.09 0.78
CA LEU A 44 -41.14 3.20 -0.06
C LEU A 44 -42.34 3.81 -0.79
N LYS A 45 -43.50 3.89 -0.13
CA LYS A 45 -44.70 4.43 -0.77
C LYS A 45 -44.55 5.88 -1.19
N GLU A 46 -43.54 6.59 -0.68
CA GLU A 46 -43.23 7.92 -1.18
C GLU A 46 -42.97 7.90 -2.69
N ARG A 47 -42.31 6.86 -3.18
CA ARG A 47 -42.25 6.54 -4.61
C ARG A 47 -41.38 7.50 -5.40
N ARG A 48 -40.28 7.99 -4.82
CA ARG A 48 -39.18 8.59 -5.59
C ARG A 48 -37.87 8.22 -4.90
N VAL A 49 -37.21 7.18 -5.38
CA VAL A 49 -35.95 6.72 -4.81
C VAL A 49 -34.80 7.40 -5.55
N TYR A 50 -33.99 8.16 -4.83
CA TYR A 50 -32.91 8.95 -5.41
C TYR A 50 -31.55 8.34 -5.05
N VAL A 51 -30.61 8.47 -5.99
CA VAL A 51 -29.22 8.12 -5.76
C VAL A 51 -28.38 9.32 -6.12
N THR A 52 -27.35 9.60 -5.34
CA THR A 52 -26.60 10.84 -5.47
C THR A 52 -25.10 10.58 -5.36
N LEU A 53 -24.33 11.26 -6.21
CA LEU A 53 -22.88 11.32 -6.10
C LEU A 53 -22.46 12.76 -5.89
N THR A 54 -21.42 12.95 -5.06
CA THR A 54 -21.08 14.27 -4.59
C THR A 54 -19.58 14.33 -4.34
N CYS A 55 -18.98 15.49 -4.61
CA CYS A 55 -17.56 15.72 -4.41
C CYS A 55 -17.42 16.91 -3.48
N ALA A 56 -17.23 16.63 -2.19
CA ALA A 56 -17.23 17.65 -1.16
C ALA A 56 -15.81 18.16 -0.91
N PHE A 57 -15.60 19.45 -1.09
CA PHE A 57 -14.34 20.10 -0.73
C PHE A 57 -14.44 20.58 0.72
N ARG A 58 -14.45 19.61 1.64
CA ARG A 58 -14.70 19.94 3.04
C ARG A 58 -13.44 20.49 3.72
N TYR A 59 -12.76 21.41 3.05
CA TYR A 59 -11.50 21.91 3.56
C TYR A 59 -11.72 22.80 4.78
N GLY A 60 -10.66 22.95 5.57
CA GLY A 60 -10.72 23.76 6.77
C GLY A 60 -10.56 25.24 6.47
N ARG A 61 -10.98 26.04 7.43
CA ARG A 61 -10.91 27.50 7.31
C ARG A 61 -10.55 28.13 8.65
N THR A 70 -13.62 26.24 9.48
CA THR A 70 -13.99 25.16 8.58
C THR A 70 -15.16 25.57 7.69
N PHE A 71 -15.32 24.88 6.58
CA PHE A 71 -16.39 25.17 5.64
C PHE A 71 -16.62 23.94 4.75
N ARG A 72 -17.45 24.12 3.72
CA ARG A 72 -17.75 23.06 2.76
C ARG A 72 -18.34 23.72 1.53
N LYS A 73 -17.73 23.51 0.37
CA LYS A 73 -18.30 23.95 -0.89
C LYS A 73 -18.27 22.73 -1.81
N ASP A 74 -19.46 22.23 -2.16
CA ASP A 74 -19.57 21.03 -2.98
C ASP A 74 -19.18 21.36 -4.40
N LEU A 75 -18.01 20.89 -4.81
CA LEU A 75 -17.50 21.20 -6.14
C LEU A 75 -18.35 20.56 -7.24
N PHE A 76 -18.92 19.39 -6.96
CA PHE A 76 -19.69 18.64 -7.95
C PHE A 76 -20.80 17.87 -7.26
N VAL A 77 -21.99 17.88 -7.86
CA VAL A 77 -23.14 17.14 -7.35
C VAL A 77 -23.84 16.47 -8.53
N ALA A 78 -24.21 15.21 -8.35
CA ALA A 78 -24.97 14.48 -9.35
C ALA A 78 -26.16 13.80 -8.70
N ASN A 79 -27.28 13.77 -9.42
CA ASN A 79 -28.52 13.16 -8.94
C ASN A 79 -29.06 12.21 -9.99
N VAL A 80 -29.66 11.13 -9.53
CA VAL A 80 -30.35 10.18 -10.39
C VAL A 80 -31.45 9.52 -9.58
N GLN A 81 -32.59 9.25 -10.22
CA GLN A 81 -33.73 8.64 -9.56
C GLN A 81 -33.82 7.18 -10.01
N SER A 82 -33.76 6.26 -9.06
CA SER A 82 -33.73 4.84 -9.35
C SER A 82 -35.11 4.19 -9.35
N PHE A 83 -36.01 4.65 -8.48
CA PHE A 83 -37.37 4.11 -8.41
C PHE A 83 -38.39 5.20 -8.07
N PRO A 84 -39.30 5.52 -8.99
CA PRO A 84 -39.42 4.94 -10.33
C PRO A 84 -38.31 5.48 -11.23
N PRO A 85 -37.80 4.66 -12.14
CA PRO A 85 -36.74 5.14 -13.02
C PRO A 85 -37.21 6.33 -13.85
N LEU A 93 -26.76 -0.87 -19.09
CA LEU A 93 -26.33 -1.58 -17.90
C LEU A 93 -24.99 -2.27 -18.15
N THR A 94 -24.04 -2.06 -17.25
CA THR A 94 -22.77 -2.75 -17.31
C THR A 94 -22.90 -4.17 -16.75
N ARG A 95 -21.83 -4.95 -16.88
CA ARG A 95 -21.85 -6.32 -16.38
C ARG A 95 -22.04 -6.35 -14.86
N LEU A 96 -21.40 -5.42 -14.15
CA LEU A 96 -21.59 -5.34 -12.70
C LEU A 96 -23.06 -5.10 -12.36
N GLN A 97 -23.67 -4.09 -13.01
CA GLN A 97 -25.10 -3.86 -12.85
C GLN A 97 -25.90 -5.11 -13.13
N GLU A 98 -25.62 -5.76 -14.26
CA GLU A 98 -26.45 -6.88 -14.69
C GLU A 98 -26.38 -8.02 -13.70
N ARG A 99 -25.19 -8.34 -13.20
CA ARG A 99 -25.06 -9.44 -12.27
C ARG A 99 -25.66 -9.10 -10.91
N LEU A 100 -25.52 -7.85 -10.45
CA LEU A 100 -26.18 -7.48 -9.21
C LEU A 100 -27.70 -7.55 -9.35
N ILE A 101 -28.23 -7.09 -10.48
CA ILE A 101 -29.67 -7.14 -10.73
C ILE A 101 -30.16 -8.59 -10.73
N LYS A 102 -29.43 -9.47 -11.42
CA LYS A 102 -29.80 -10.87 -11.46
C LYS A 102 -29.71 -11.50 -10.07
N LYS A 103 -28.71 -11.12 -9.28
CA LYS A 103 -28.57 -11.65 -7.94
C LYS A 103 -29.73 -11.23 -7.04
N LEU A 104 -30.19 -9.98 -7.17
CA LEU A 104 -31.26 -9.48 -6.33
C LEU A 104 -32.65 -9.82 -6.86
N GLY A 105 -32.73 -10.47 -8.02
CA GLY A 105 -33.99 -10.98 -8.55
C GLY A 105 -34.83 -10.00 -9.35
N GLU A 106 -35.60 -9.15 -8.68
CA GLU A 106 -36.42 -8.22 -9.47
C GLU A 106 -36.37 -6.78 -9.01
N HIS A 107 -36.36 -6.53 -7.71
CA HIS A 107 -36.65 -5.19 -7.19
C HIS A 107 -35.35 -4.41 -6.90
N ALA A 108 -34.53 -4.29 -7.94
CA ALA A 108 -33.28 -3.55 -7.86
C ALA A 108 -33.13 -2.71 -9.13
N TYR A 109 -32.68 -1.46 -8.94
CA TYR A 109 -32.63 -0.45 -10.02
C TYR A 109 -31.28 0.25 -10.03
N PRO A 110 -30.64 0.49 -11.20
CA PRO A 110 -29.30 1.03 -11.22
C PRO A 110 -29.12 2.54 -11.21
N PHE A 111 -27.85 2.92 -11.26
CA PHE A 111 -27.34 4.26 -10.91
C PHE A 111 -25.95 4.43 -11.55
N THR A 112 -25.85 5.10 -12.72
CA THR A 112 -24.54 5.19 -13.37
C THR A 112 -24.16 6.66 -13.47
N PHE A 113 -23.51 7.16 -12.43
CA PHE A 113 -22.84 8.45 -12.51
C PHE A 113 -21.61 8.36 -13.41
N GLU A 114 -21.27 9.50 -14.00
CA GLU A 114 -20.02 9.65 -14.75
C GLU A 114 -19.35 10.92 -14.25
N ILE A 115 -18.35 10.77 -13.41
CA ILE A 115 -17.57 11.93 -12.99
C ILE A 115 -16.95 12.58 -14.22
N PRO A 116 -17.10 13.88 -14.42
CA PRO A 116 -16.46 14.53 -15.56
C PRO A 116 -14.98 14.71 -15.32
N PRO A 117 -14.19 14.86 -16.38
CA PRO A 117 -12.77 15.23 -16.21
C PRO A 117 -12.61 16.58 -15.50
N ASN A 118 -11.41 16.79 -14.96
CA ASN A 118 -10.93 18.03 -14.32
C ASN A 118 -11.40 18.18 -12.88
N LEU A 119 -12.04 17.16 -12.30
CA LEU A 119 -12.29 17.41 -10.88
C LEU A 119 -11.19 16.80 -10.02
N PRO A 120 -10.88 17.41 -8.88
CA PRO A 120 -9.68 17.04 -8.13
C PRO A 120 -9.74 15.62 -7.58
N CYS A 121 -8.56 15.09 -7.29
CA CYS A 121 -8.35 13.73 -6.82
C CYS A 121 -8.73 13.60 -5.35
N SER A 122 -8.92 12.36 -4.92
CA SER A 122 -9.17 12.05 -3.52
C SER A 122 -7.95 12.39 -2.68
N VAL A 123 -8.05 13.42 -1.84
CA VAL A 123 -6.92 13.92 -1.08
C VAL A 123 -7.34 14.10 0.37
N THR A 124 -6.51 13.64 1.30
CA THR A 124 -6.73 13.80 2.73
C THR A 124 -5.57 14.57 3.32
N LEU A 125 -5.80 15.84 3.65
CA LEU A 125 -4.78 16.61 4.37
C LEU A 125 -4.54 16.00 5.74
N GLN A 126 -3.28 16.00 6.16
CA GLN A 126 -2.91 15.30 7.39
C GLN A 126 -3.55 15.97 8.59
N PRO A 127 -4.35 15.27 9.38
CA PRO A 127 -4.99 15.90 10.54
C PRO A 127 -4.03 16.07 11.71
N CYS A 136 -9.79 17.08 6.64
CA CYS A 136 -9.81 18.14 5.65
C CYS A 136 -9.34 17.62 4.30
N GLY A 137 -9.95 18.12 3.23
CA GLY A 137 -9.56 17.74 1.90
C GLY A 137 -10.71 17.50 0.95
N VAL A 138 -10.48 16.68 -0.06
CA VAL A 138 -11.46 16.38 -1.09
C VAL A 138 -11.76 14.89 -1.03
N ASP A 139 -13.05 14.55 -0.91
CA ASP A 139 -13.45 13.16 -0.95
C ASP A 139 -14.81 13.05 -1.62
N TYR A 140 -15.07 11.89 -2.21
CA TYR A 140 -16.30 11.61 -2.91
C TYR A 140 -17.26 10.84 -2.02
N GLU A 141 -18.56 11.06 -2.24
CA GLU A 141 -19.59 10.62 -1.32
C GLU A 141 -20.80 10.16 -2.12
N VAL A 142 -20.93 8.85 -2.30
CA VAL A 142 -22.16 8.28 -2.85
C VAL A 142 -23.21 8.24 -1.75
N LYS A 143 -24.30 8.98 -1.95
CA LYS A 143 -25.40 9.05 -0.99
C LYS A 143 -26.69 8.63 -1.66
N ALA A 144 -27.51 7.88 -0.95
CA ALA A 144 -28.73 7.30 -1.50
C ALA A 144 -29.85 7.35 -0.47
N PHE A 145 -31.07 7.56 -0.94
CA PHE A 145 -32.22 7.66 -0.05
C PHE A 145 -33.49 7.51 -0.88
N CYS A 146 -34.62 7.47 -0.18
CA CYS A 146 -35.94 7.38 -0.78
C CYS A 146 -36.82 8.49 -0.24
N ALA A 147 -37.65 9.06 -1.11
CA ALA A 147 -38.53 10.16 -0.74
C ALA A 147 -39.65 10.22 -1.76
N GLU A 148 -40.49 11.26 -1.66
CA GLU A 148 -41.52 11.54 -2.65
C GLU A 148 -41.26 12.83 -3.41
N ASN A 149 -40.19 13.55 -3.07
CA ASN A 149 -39.76 14.72 -3.80
C ASN A 149 -38.32 14.99 -3.41
N LEU A 150 -37.58 15.64 -4.31
CA LEU A 150 -36.20 15.99 -4.00
C LEU A 150 -36.12 17.02 -2.88
N GLU A 151 -37.13 17.89 -2.77
CA GLU A 151 -37.13 18.90 -1.74
C GLU A 151 -37.41 18.35 -0.35
N GLU A 152 -37.83 17.09 -0.25
CA GLU A 152 -38.15 16.52 1.06
C GLU A 152 -36.89 16.34 1.89
N LYS A 153 -37.02 16.61 3.19
CA LYS A 153 -35.87 16.75 4.07
C LYS A 153 -35.08 15.45 4.19
N ILE A 154 -33.76 15.59 4.20
CA ILE A 154 -32.87 14.44 4.42
C ILE A 154 -32.82 14.13 5.91
N HIS A 155 -32.94 12.85 6.25
CA HIS A 155 -33.03 12.42 7.63
C HIS A 155 -32.15 11.19 7.83
N LYS A 156 -31.48 11.14 8.99
CA LYS A 156 -30.52 10.07 9.25
C LYS A 156 -31.18 8.70 9.32
N ARG A 157 -32.50 8.65 9.47
CA ARG A 157 -33.18 7.38 9.54
C ARG A 157 -33.23 6.67 8.19
N ASN A 158 -33.06 7.40 7.10
CA ASN A 158 -33.33 6.88 5.77
C ASN A 158 -32.14 6.85 4.83
N SER A 159 -31.13 7.67 5.05
CA SER A 159 -30.02 7.80 4.11
C SER A 159 -28.96 6.74 4.36
N VAL A 160 -28.34 6.26 3.27
CA VAL A 160 -27.21 5.35 3.32
C VAL A 160 -26.09 5.95 2.48
N ARG A 161 -24.89 6.00 3.03
CA ARG A 161 -23.79 6.72 2.42
C ARG A 161 -22.55 5.85 2.31
N LEU A 162 -21.79 6.05 1.22
CA LEU A 162 -20.52 5.38 1.02
C LEU A 162 -19.49 6.42 0.56
N VAL A 163 -18.40 6.53 1.29
CA VAL A 163 -17.29 7.39 0.88
C VAL A 163 -16.41 6.62 -0.09
N ILE A 164 -16.27 7.12 -1.32
CA ILE A 164 -15.49 6.47 -2.36
C ILE A 164 -14.36 7.40 -2.79
N ARG A 165 -13.43 6.83 -3.54
CA ARG A 165 -12.19 7.51 -3.90
C ARG A 165 -12.01 7.53 -5.41
N LYS A 166 -11.31 8.57 -5.88
CA LYS A 166 -11.02 8.79 -7.29
C LYS A 166 -9.55 9.18 -7.40
N VAL A 167 -8.72 8.26 -7.90
CA VAL A 167 -7.28 8.35 -7.78
C VAL A 167 -6.61 8.07 -9.13
N GLN A 168 -5.31 8.35 -9.19
CA GLN A 168 -4.52 8.25 -10.40
C GLN A 168 -3.30 7.36 -10.18
N TYR A 169 -2.99 6.54 -11.18
CA TYR A 169 -1.78 5.73 -11.19
C TYR A 169 -0.69 6.38 -12.05
N ALA A 170 0.55 5.97 -11.83
CA ALA A 170 1.69 6.53 -12.54
C ALA A 170 1.59 6.22 -14.03
N PRO A 171 2.16 7.09 -14.88
CA PRO A 171 2.03 6.90 -16.33
C PRO A 171 2.69 5.62 -16.80
N GLU A 172 2.16 5.07 -17.89
CA GLU A 172 2.67 3.82 -18.43
C GLU A 172 3.96 4.01 -19.22
N ARG A 173 4.29 5.23 -19.64
CA ARG A 173 5.47 5.44 -20.47
C ARG A 173 6.40 6.48 -19.87
N PRO A 174 7.70 6.20 -19.81
CA PRO A 174 8.64 7.13 -19.19
C PRO A 174 8.77 8.42 -19.99
N GLY A 175 9.12 9.50 -19.28
CA GLY A 175 9.33 10.78 -19.90
C GLY A 175 10.80 11.05 -20.15
N PRO A 176 11.18 12.32 -20.14
CA PRO A 176 12.60 12.67 -20.22
C PRO A 176 13.26 12.70 -18.86
N GLN A 177 14.58 12.63 -18.87
CA GLN A 177 15.35 12.71 -17.63
C GLN A 177 15.25 14.12 -17.09
N PRO A 178 14.87 14.29 -15.83
CA PRO A 178 14.64 15.63 -15.27
C PRO A 178 15.92 16.42 -15.02
N THR A 179 16.76 16.53 -16.04
CA THR A 179 17.99 17.30 -15.91
C THR A 179 17.68 18.79 -15.82
N ALA A 180 18.42 19.49 -14.96
CA ALA A 180 18.33 20.95 -14.93
C ALA A 180 19.67 21.50 -14.45
N GLU A 181 19.87 22.79 -14.71
CA GLU A 181 21.20 23.38 -14.56
C GLU A 181 21.08 24.86 -14.28
N THR A 182 22.23 25.47 -13.99
CA THR A 182 22.31 26.90 -13.69
C THR A 182 23.77 27.30 -13.73
N THR A 183 23.99 28.61 -13.64
CA THR A 183 25.34 29.17 -13.60
C THR A 183 25.23 30.57 -13.04
N ARG A 184 25.96 30.85 -11.98
CA ARG A 184 25.83 32.11 -11.26
C ARG A 184 27.15 32.87 -11.37
N GLN A 185 27.20 33.79 -12.32
CA GLN A 185 28.37 34.65 -12.47
C GLN A 185 28.43 35.66 -11.33
N PHE A 186 29.11 35.29 -10.24
CA PHE A 186 29.25 36.22 -9.13
C PHE A 186 29.98 37.47 -9.60
N LEU A 187 29.44 38.63 -9.22
CA LEU A 187 30.00 39.90 -9.68
C LEU A 187 31.43 40.09 -9.18
N MET A 188 31.74 39.61 -7.99
CA MET A 188 33.08 39.74 -7.42
C MET A 188 34.06 38.71 -7.97
N SER A 189 33.69 37.95 -9.00
CA SER A 189 34.55 36.91 -9.53
C SER A 189 34.53 36.94 -11.05
N ASP A 190 35.63 36.48 -11.65
CA ASP A 190 35.75 36.48 -13.09
C ASP A 190 35.01 35.32 -13.75
N LYS A 191 34.96 34.16 -13.10
CA LYS A 191 34.35 32.98 -13.69
C LYS A 191 33.32 32.39 -12.76
N PRO A 192 32.28 31.78 -13.30
CA PRO A 192 31.12 31.43 -12.49
C PRO A 192 31.19 30.04 -11.86
N LEU A 193 30.16 29.70 -11.10
CA LEU A 193 29.99 28.37 -10.54
C LEU A 193 28.96 27.65 -11.41
N HIS A 194 29.45 26.82 -12.33
CA HIS A 194 28.57 26.02 -13.15
C HIS A 194 28.04 24.84 -12.35
N LEU A 195 26.81 24.45 -12.62
CA LEU A 195 26.12 23.47 -11.79
C LEU A 195 25.13 22.68 -12.63
N GLU A 196 25.01 21.39 -12.32
CA GLU A 196 24.03 20.54 -12.96
C GLU A 196 23.50 19.55 -11.94
N ALA A 197 22.19 19.37 -11.93
CA ALA A 197 21.54 18.35 -11.11
C ALA A 197 20.65 17.52 -12.01
N SER A 198 20.65 16.21 -11.78
CA SER A 198 19.81 15.33 -12.57
C SER A 198 19.37 14.16 -11.70
N LEU A 199 18.14 13.69 -11.95
CA LEU A 199 17.63 12.49 -11.32
C LEU A 199 17.66 11.33 -12.30
N ASP A 200 17.80 10.12 -11.75
CA ASP A 200 17.84 8.93 -12.60
C ASP A 200 16.58 8.82 -13.44
N LYS A 201 15.43 9.21 -12.89
CA LYS A 201 14.17 9.15 -13.63
C LYS A 201 13.20 10.17 -13.04
N GLU A 202 12.27 10.62 -13.87
CA GLU A 202 11.27 11.59 -13.44
C GLU A 202 10.13 10.94 -12.67
N ILE A 203 9.90 9.64 -12.87
CA ILE A 203 8.89 8.89 -12.14
C ILE A 203 9.56 8.13 -11.01
N TYR A 204 8.97 8.23 -9.81
CA TYR A 204 9.37 7.40 -8.69
C TYR A 204 8.11 6.79 -8.07
N TYR A 205 8.11 5.47 -7.92
CA TYR A 205 7.03 4.81 -7.22
C TYR A 205 7.13 5.09 -5.72
N HIS A 206 6.08 4.74 -5.00
CA HIS A 206 6.07 4.92 -3.56
C HIS A 206 6.98 3.90 -2.89
N GLY A 207 7.87 4.39 -2.02
CA GLY A 207 8.81 3.55 -1.31
C GLY A 207 10.16 3.38 -1.98
N GLU A 208 10.33 3.81 -3.22
CA GLU A 208 11.57 3.63 -3.94
C GLU A 208 12.52 4.79 -3.70
N PRO A 209 13.83 4.59 -3.90
CA PRO A 209 14.79 5.65 -3.62
C PRO A 209 15.00 6.64 -4.76
N ILE A 210 15.27 7.88 -4.38
CA ILE A 210 15.62 8.94 -5.30
C ILE A 210 17.14 8.98 -5.45
N SER A 211 17.62 9.42 -6.61
CA SER A 211 19.05 9.49 -6.89
C SER A 211 19.37 10.83 -7.53
N VAL A 212 19.98 11.72 -6.76
CA VAL A 212 20.34 13.06 -7.23
C VAL A 212 21.81 13.03 -7.63
N ASN A 213 22.09 13.37 -8.89
CA ASN A 213 23.46 13.41 -9.40
C ASN A 213 23.91 14.87 -9.43
N VAL A 214 24.70 15.27 -8.44
CA VAL A 214 25.17 16.65 -8.30
C VAL A 214 26.56 16.74 -8.92
N HIS A 215 26.70 17.60 -9.92
CA HIS A 215 27.87 17.61 -10.80
C HIS A 215 28.55 18.97 -10.81
N VAL A 216 28.76 19.54 -9.61
CA VAL A 216 29.29 20.91 -9.51
C VAL A 216 30.59 21.02 -10.28
N THR A 217 30.76 22.14 -11.00
CA THR A 217 32.03 22.45 -11.67
C THR A 217 32.34 23.91 -11.36
N ASN A 218 33.13 24.12 -10.31
CA ASN A 218 33.40 25.45 -9.80
C ASN A 218 34.66 26.03 -10.43
N ASN A 219 34.61 27.32 -10.73
CA ASN A 219 35.77 28.06 -11.23
C ASN A 219 35.94 29.40 -10.52
N THR A 220 35.22 29.63 -9.44
CA THR A 220 35.28 30.90 -8.72
C THR A 220 36.25 30.80 -7.54
N ASN A 221 36.41 31.92 -6.84
CA ASN A 221 37.19 31.96 -5.61
C ASN A 221 36.39 31.59 -4.37
N LYS A 222 35.07 31.42 -4.52
CA LYS A 222 34.22 31.06 -3.39
C LYS A 222 34.23 29.55 -3.16
N THR A 223 34.04 29.16 -1.91
CA THR A 223 34.11 27.76 -1.47
C THR A 223 32.72 27.22 -1.21
N VAL A 224 32.42 26.07 -1.80
CA VAL A 224 31.14 25.40 -1.57
C VAL A 224 31.18 24.76 -0.20
N LYS A 225 30.41 25.30 0.74
CA LYS A 225 30.43 24.82 2.12
C LYS A 225 29.48 23.64 2.31
N LYS A 226 28.24 23.78 1.87
CA LYS A 226 27.14 23.02 2.44
C LYS A 226 26.16 22.63 1.34
N ILE A 227 26.10 21.35 1.03
CA ILE A 227 25.15 20.81 0.06
C ILE A 227 23.91 20.33 0.82
N LYS A 228 22.75 20.97 0.57
CA LYS A 228 21.45 20.59 1.20
C LYS A 228 20.46 20.08 0.16
N ILE A 229 19.98 18.87 0.31
CA ILE A 229 19.12 18.17 -0.65
C ILE A 229 17.79 17.90 0.03
N SER A 230 16.69 18.24 -0.65
CA SER A 230 15.37 18.10 -0.04
C SER A 230 14.34 17.80 -1.11
N VAL A 231 13.31 17.04 -0.72
CA VAL A 231 12.16 16.75 -1.57
C VAL A 231 10.96 17.47 -0.97
N ARG A 232 10.33 18.35 -1.73
CA ARG A 232 9.30 19.25 -1.22
C ARG A 232 7.96 18.95 -1.86
N GLN A 233 6.91 19.02 -1.04
CA GLN A 233 5.53 18.85 -1.50
C GLN A 233 4.93 20.18 -1.89
N TYR A 234 4.45 20.28 -3.13
CA TYR A 234 3.79 21.49 -3.64
C TYR A 234 2.30 21.18 -3.74
N ALA A 235 1.59 21.42 -2.65
CA ALA A 235 0.14 21.22 -2.61
C ALA A 235 -0.53 22.52 -3.03
N ASP A 236 -0.94 22.59 -4.30
CA ASP A 236 -1.77 23.69 -4.78
C ASP A 236 -3.22 23.34 -4.46
N ILE A 237 -3.84 24.11 -3.56
CA ILE A 237 -5.25 23.95 -3.23
C ILE A 237 -5.96 25.19 -3.72
N CYS A 238 -6.95 24.99 -4.60
CA CYS A 238 -7.59 26.07 -5.33
C CYS A 238 -8.98 26.33 -4.76
N GLN A 244 -0.55 28.18 -2.85
CA GLN A 244 0.39 27.09 -3.02
C GLN A 244 0.94 26.69 -1.65
N TYR A 245 0.91 25.40 -1.35
CA TYR A 245 1.37 24.89 -0.06
C TYR A 245 2.64 24.08 -0.27
N LYS A 246 3.70 24.45 0.44
CA LYS A 246 5.03 23.88 0.28
C LYS A 246 5.52 23.34 1.61
N CYS A 247 6.09 22.11 1.58
CA CYS A 247 6.66 21.53 2.79
C CYS A 247 7.65 20.44 2.41
N PRO A 248 8.82 20.38 3.04
CA PRO A 248 9.82 19.35 2.71
C PRO A 248 9.48 18.01 3.33
N VAL A 249 9.34 16.98 2.48
CA VAL A 249 8.96 15.66 2.96
C VAL A 249 10.13 14.68 3.07
N ALA A 250 11.23 14.92 2.35
CA ALA A 250 12.46 14.15 2.51
C ALA A 250 13.63 15.12 2.47
N MET A 251 14.67 14.84 3.24
CA MET A 251 15.72 15.83 3.45
C MET A 251 17.05 15.10 3.62
N GLU A 252 18.07 15.57 2.89
CA GLU A 252 19.43 15.05 2.99
C GLU A 252 20.38 16.22 3.21
N GLU A 253 21.46 15.95 3.92
CA GLU A 253 22.37 17.02 4.32
C GLU A 253 23.77 16.42 4.41
N ALA A 254 24.74 17.10 3.79
CA ALA A 254 26.09 16.58 3.73
C ALA A 254 27.08 17.73 3.69
N ASP A 255 28.28 17.46 4.20
CA ASP A 255 29.39 18.40 4.13
C ASP A 255 30.32 18.11 2.96
N ASP A 256 29.76 17.69 1.83
CA ASP A 256 30.54 17.33 0.66
C ASP A 256 31.08 18.57 -0.03
N THR A 257 32.09 19.19 0.57
CA THR A 257 32.60 20.47 0.08
C THR A 257 33.15 20.33 -1.33
N VAL A 258 33.17 21.44 -2.05
CA VAL A 258 33.80 21.55 -3.35
C VAL A 258 34.83 22.68 -3.27
N ALA A 259 36.05 22.38 -3.67
CA ALA A 259 37.14 23.34 -3.52
C ALA A 259 37.15 24.33 -4.69
N PRO A 260 37.68 25.53 -4.47
CA PRO A 260 37.82 26.48 -5.58
C PRO A 260 38.70 25.89 -6.69
N SER A 261 38.32 26.20 -7.93
CA SER A 261 38.98 25.65 -9.11
C SER A 261 38.99 24.13 -9.08
N SER A 262 37.92 23.52 -8.57
CA SER A 262 37.79 22.08 -8.53
C SER A 262 36.38 21.69 -8.92
N THR A 263 36.25 20.44 -9.35
CA THR A 263 34.99 19.84 -9.76
C THR A 263 34.49 18.89 -8.67
N PHE A 264 33.26 18.43 -8.80
CA PHE A 264 32.70 17.50 -7.84
C PHE A 264 31.56 16.71 -8.49
N CYS A 265 31.37 15.48 -8.03
CA CYS A 265 30.32 14.61 -8.56
C CYS A 265 29.98 13.58 -7.49
N LYS A 266 28.71 13.57 -7.06
CA LYS A 266 28.24 12.59 -6.08
C LYS A 266 26.79 12.25 -6.38
N VAL A 267 26.44 10.99 -6.17
CA VAL A 267 25.05 10.54 -6.29
C VAL A 267 24.46 10.43 -4.87
N TYR A 268 23.62 11.40 -4.52
CA TYR A 268 22.90 11.36 -3.26
C TYR A 268 21.66 10.49 -3.37
N THR A 269 21.28 9.88 -2.26
CA THR A 269 20.08 9.04 -2.22
C THR A 269 19.11 9.57 -1.19
N LEU A 270 17.82 9.51 -1.52
CA LEU A 270 16.76 9.95 -0.64
C LEU A 270 15.52 9.11 -0.91
N THR A 271 14.59 9.14 0.04
CA THR A 271 13.30 8.50 -0.14
C THR A 271 12.25 9.18 0.73
N PRO A 272 11.18 9.70 0.14
CA PRO A 272 10.11 10.25 0.96
C PRO A 272 9.28 9.14 1.59
N PHE A 273 8.93 9.34 2.85
CA PHE A 273 8.11 8.36 3.58
C PHE A 273 7.47 9.06 4.77
N LEU A 274 6.45 8.40 5.33
CA LEU A 274 5.55 9.05 6.27
C LEU A 274 6.02 9.02 7.72
N ALA A 275 7.01 8.19 8.07
CA ALA A 275 7.36 8.00 9.47
C ALA A 275 7.71 9.30 10.16
N ASN A 276 8.62 10.08 9.59
CA ASN A 276 9.06 11.32 10.21
C ASN A 276 8.18 12.51 9.87
N ASN A 277 7.10 12.29 9.13
CA ASN A 277 6.24 13.36 8.65
C ASN A 277 4.90 13.44 9.36
N ARG A 278 4.72 12.67 10.45
CA ARG A 278 3.46 12.67 11.18
C ARG A 278 3.12 14.05 11.73
N GLU A 279 4.10 14.72 12.33
CA GLU A 279 3.85 15.96 13.05
C GLU A 279 3.52 17.11 12.11
N LYS A 280 3.81 16.97 10.82
CA LYS A 280 3.60 18.06 9.86
C LYS A 280 2.11 18.12 9.56
N ARG A 281 1.41 19.01 10.27
CA ARG A 281 -0.04 19.13 10.13
C ARG A 281 -0.38 19.80 8.81
N GLY A 282 -1.09 19.07 7.95
CA GLY A 282 -1.61 19.60 6.70
C GLY A 282 -1.14 18.88 5.45
N LEU A 283 -0.10 18.06 5.55
CA LEU A 283 0.47 17.44 4.36
C LEU A 283 -0.55 16.54 3.67
N ALA A 284 -0.57 16.61 2.34
CA ALA A 284 -1.55 15.87 1.57
C ALA A 284 -1.21 14.38 1.54
N LEU A 285 -2.17 13.56 1.91
CA LEU A 285 -2.03 12.11 1.93
C LEU A 285 -3.07 11.49 1.01
N ASP A 286 -2.84 10.24 0.63
CA ASP A 286 -3.80 9.56 -0.25
C ASP A 286 -5.14 9.49 0.46
N GLY A 287 -6.21 9.62 -0.32
CA GLY A 287 -7.54 9.61 0.25
C GLY A 287 -7.80 8.33 1.04
N LYS A 288 -8.53 8.45 2.13
CA LYS A 288 -8.80 7.37 3.05
C LYS A 288 -10.30 7.20 3.20
N LEU A 289 -10.74 5.95 3.34
CA LEU A 289 -12.17 5.72 3.53
C LEU A 289 -12.62 6.17 4.90
N LYS A 290 -12.03 5.63 5.97
CA LYS A 290 -12.40 6.06 7.31
C LYS A 290 -11.24 6.75 8.02
N HIS A 291 -10.20 6.00 8.40
CA HIS A 291 -8.99 6.63 8.94
C HIS A 291 -7.72 5.83 8.66
N GLU A 292 -7.68 4.97 7.65
CA GLU A 292 -6.56 4.06 7.50
C GLU A 292 -5.29 4.81 7.15
N ASP A 293 -4.15 4.19 7.43
CA ASP A 293 -2.87 4.78 7.07
C ASP A 293 -2.70 4.76 5.55
N THR A 294 -2.32 5.90 5.00
CA THR A 294 -2.14 6.02 3.56
C THR A 294 -0.88 6.83 3.29
N ASN A 295 -0.25 6.54 2.16
CA ASN A 295 1.00 7.16 1.76
C ASN A 295 0.78 8.62 1.41
N LEU A 296 1.90 9.35 1.34
CA LEU A 296 1.82 10.75 0.94
C LEU A 296 1.20 10.86 -0.44
N ALA A 297 0.36 11.89 -0.61
CA ALA A 297 -0.52 11.95 -1.77
C ALA A 297 0.25 11.83 -3.07
N SER A 298 -0.16 10.88 -3.89
CA SER A 298 0.44 10.71 -5.20
C SER A 298 0.22 11.97 -6.03
N SER A 299 1.19 12.30 -6.86
CA SER A 299 1.10 13.49 -7.70
C SER A 299 -0.15 13.42 -8.57
N THR A 300 -0.76 14.58 -8.81
CA THR A 300 -1.91 14.65 -9.69
C THR A 300 -1.47 14.95 -11.12
N LEU A 301 -2.08 14.25 -12.07
CA LEU A 301 -1.84 14.49 -13.49
C LEU A 301 -2.86 15.52 -13.96
N LEU A 302 -2.36 16.56 -14.63
CA LEU A 302 -3.27 17.56 -15.16
C LEU A 302 -3.77 17.13 -16.54
N ARG A 303 -4.97 17.60 -16.89
CA ARG A 303 -5.56 17.26 -18.17
C ARG A 303 -4.81 17.96 -19.29
N GLU A 304 -4.37 17.17 -20.28
CA GLU A 304 -3.59 17.65 -21.41
C GLU A 304 -2.51 18.64 -20.99
N GLY A 305 -2.71 19.92 -21.27
CA GLY A 305 -1.78 20.96 -20.87
C GLY A 305 -2.47 22.22 -20.39
N ILE A 310 -7.70 24.84 -11.78
CA ILE A 310 -8.51 23.66 -11.49
C ILE A 310 -8.84 23.64 -10.00
N LEU A 311 -10.12 23.53 -9.68
CA LEU A 311 -10.54 23.57 -8.29
C LEU A 311 -10.11 22.30 -7.55
N GLY A 312 -10.05 22.42 -6.22
CA GLY A 312 -9.66 21.31 -5.39
C GLY A 312 -8.18 21.34 -5.04
N ILE A 313 -7.60 20.17 -4.84
CA ILE A 313 -6.22 20.05 -4.39
C ILE A 313 -5.37 19.51 -5.53
N ILE A 314 -4.38 20.31 -5.94
CA ILE A 314 -3.38 19.95 -6.92
C ILE A 314 -2.06 19.81 -6.19
N VAL A 315 -1.39 18.66 -6.35
CA VAL A 315 -0.18 18.37 -5.58
C VAL A 315 0.91 17.86 -6.52
N SER A 316 2.12 18.39 -6.36
CA SER A 316 3.28 17.96 -7.13
C SER A 316 4.52 18.10 -6.25
N TYR A 317 5.59 17.40 -6.64
CA TYR A 317 6.83 17.39 -5.88
C TYR A 317 8.00 17.80 -6.76
N LYS A 318 9.00 18.40 -6.13
CA LYS A 318 10.25 18.74 -6.78
C LYS A 318 11.43 18.48 -5.84
N VAL A 319 12.53 18.00 -6.39
CA VAL A 319 13.78 17.87 -5.64
C VAL A 319 14.54 19.19 -5.73
N LYS A 320 14.98 19.70 -4.59
CA LYS A 320 15.69 20.97 -4.53
C LYS A 320 17.12 20.72 -4.08
N VAL A 321 18.08 21.19 -4.87
CA VAL A 321 19.50 21.09 -4.55
C VAL A 321 20.01 22.49 -4.26
N LYS A 322 20.51 22.71 -3.05
CA LYS A 322 20.98 24.02 -2.62
C LYS A 322 22.44 23.92 -2.20
N LEU A 323 23.25 24.86 -2.68
CA LEU A 323 24.67 24.90 -2.40
C LEU A 323 25.01 26.24 -1.74
N VAL A 324 25.54 26.18 -0.52
CA VAL A 324 26.02 27.39 0.13
C VAL A 324 27.40 27.75 -0.41
N VAL A 325 27.67 29.04 -0.52
CA VAL A 325 28.96 29.53 -0.96
C VAL A 325 29.50 30.51 0.08
N SER A 326 30.81 30.73 0.05
CA SER A 326 31.45 31.63 0.99
C SER A 326 32.83 32.02 0.47
N ARG A 327 33.23 33.25 0.78
CA ARG A 327 34.53 33.76 0.37
C ARG A 327 35.00 34.87 1.30
N SER A 337 26.06 33.73 -0.23
CA SER A 337 25.94 32.41 0.37
C SER A 337 24.70 31.66 -0.12
N ASP A 338 24.61 31.44 -1.43
CA ASP A 338 23.47 30.70 -1.98
C ASP A 338 23.70 30.39 -3.46
N VAL A 339 23.06 29.31 -3.90
CA VAL A 339 22.72 28.94 -5.27
C VAL A 339 21.70 27.83 -5.10
N ALA A 340 20.87 27.58 -6.12
CA ALA A 340 19.95 26.44 -6.06
C ALA A 340 19.31 26.13 -7.41
N VAL A 341 18.97 24.86 -7.62
CA VAL A 341 18.29 24.41 -8.83
C VAL A 341 17.26 23.36 -8.44
N GLU A 342 16.11 23.40 -9.11
CA GLU A 342 14.97 22.60 -8.72
C GLU A 342 14.59 21.63 -9.85
N LEU A 343 14.05 20.48 -9.46
CA LEU A 343 13.86 19.36 -10.38
C LEU A 343 12.45 18.79 -10.22
N PRO A 344 11.54 19.06 -11.14
CA PRO A 344 10.20 18.45 -11.05
C PRO A 344 10.26 16.95 -11.29
N PHE A 345 9.70 16.19 -10.35
CA PHE A 345 9.58 14.75 -10.53
C PHE A 345 8.20 14.32 -10.08
N THR A 346 7.77 13.17 -10.59
CA THR A 346 6.44 12.64 -10.33
C THR A 346 6.52 11.48 -9.36
N LEU A 347 5.70 11.53 -8.31
CA LEU A 347 5.66 10.52 -7.25
C LEU A 347 4.29 9.86 -7.26
N MET A 348 4.19 8.67 -7.84
CA MET A 348 2.89 8.07 -8.07
C MET A 348 2.98 6.55 -8.05
N HIS A 349 1.86 5.92 -7.69
CA HIS A 349 1.81 4.47 -7.55
C HIS A 349 1.78 3.79 -8.91
N PRO A 350 2.22 2.54 -8.97
CA PRO A 350 2.01 1.74 -10.18
C PRO A 350 0.55 1.32 -10.33
N LYS A 351 0.21 0.95 -11.56
CA LYS A 351 -1.10 0.37 -11.81
C LYS A 351 -1.13 -1.04 -11.22
N PRO A 352 -2.16 -1.38 -10.43
CA PRO A 352 -2.22 -2.72 -9.82
C PRO A 352 -2.12 -3.85 -10.84
N LYS A 353 -1.66 -5.01 -10.38
CA LYS A 353 -1.40 -6.12 -11.28
C LYS A 353 -2.71 -6.81 -11.67
N VAL B 1 17.69 -10.06 -6.53
CA VAL B 1 16.80 -9.96 -5.38
C VAL B 1 16.93 -11.20 -4.49
N GLN B 2 17.41 -11.01 -3.27
CA GLN B 2 17.69 -12.14 -2.40
C GLN B 2 17.86 -11.67 -0.97
N LEU B 3 17.45 -12.52 -0.03
CA LEU B 3 17.64 -12.33 1.39
C LEU B 3 18.59 -13.39 1.94
N VAL B 4 19.48 -12.98 2.85
CA VAL B 4 20.41 -13.89 3.50
C VAL B 4 20.51 -13.49 4.97
N GLU B 5 20.57 -14.50 5.84
CA GLU B 5 20.58 -14.29 7.28
C GLU B 5 21.75 -15.02 7.92
N SER B 6 22.00 -14.68 9.18
CA SER B 6 23.03 -15.30 10.00
C SER B 6 22.84 -14.84 11.43
N GLY B 7 23.68 -15.37 12.33
CA GLY B 7 23.74 -14.90 13.70
C GLY B 7 23.25 -15.88 14.75
N GLY B 8 22.63 -16.99 14.34
CA GLY B 8 22.21 -17.98 15.31
C GLY B 8 23.38 -18.74 15.91
N GLY B 9 23.18 -19.24 17.13
CA GLY B 9 24.19 -20.04 17.79
C GLY B 9 23.68 -20.58 19.10
N LEU B 10 24.50 -21.43 19.71
CA LEU B 10 24.23 -21.86 21.08
C LEU B 10 24.20 -20.64 21.99
N VAL B 11 23.21 -20.59 22.87
CA VAL B 11 23.10 -19.46 23.79
C VAL B 11 22.79 -19.96 25.18
N GLN B 12 23.39 -19.31 26.17
CA GLN B 12 23.05 -19.56 27.56
C GLN B 12 21.67 -18.98 27.84
N PRO B 13 20.72 -19.77 28.33
CA PRO B 13 19.41 -19.22 28.67
C PRO B 13 19.55 -18.07 29.65
N GLY B 14 18.74 -17.04 29.45
CA GLY B 14 18.88 -15.79 30.16
C GLY B 14 19.83 -14.81 29.51
N GLY B 15 20.59 -15.24 28.50
CA GLY B 15 21.50 -14.38 27.78
C GLY B 15 20.80 -13.65 26.64
N SER B 16 21.59 -13.36 25.61
CA SER B 16 21.08 -12.60 24.47
C SER B 16 21.68 -13.16 23.18
N LEU B 17 21.01 -12.84 22.07
CA LEU B 17 21.48 -13.20 20.74
C LEU B 17 20.87 -12.22 19.74
N ARG B 18 21.56 -12.04 18.61
CA ARG B 18 21.12 -11.14 17.55
C ARG B 18 21.09 -11.88 16.24
N LEU B 19 19.95 -11.82 15.56
CA LEU B 19 19.87 -12.28 14.17
C LEU B 19 19.87 -11.07 13.25
N SER B 20 20.44 -11.27 12.05
CA SER B 20 20.57 -10.20 11.08
C SER B 20 20.05 -10.68 9.73
N CYS B 21 19.55 -9.75 8.94
CA CYS B 21 18.87 -10.06 7.68
C CYS B 21 19.34 -9.10 6.62
N ALA B 22 20.13 -9.59 5.67
CA ALA B 22 20.67 -8.75 4.60
C ALA B 22 19.76 -8.82 3.39
N ALA B 23 19.54 -7.66 2.77
CA ALA B 23 18.61 -7.54 1.66
C ALA B 23 19.33 -7.04 0.42
N SER B 24 19.03 -7.66 -0.71
CA SER B 24 19.59 -7.28 -2.00
C SER B 24 18.46 -7.20 -3.01
N GLY B 25 18.48 -6.14 -3.82
CA GLY B 25 17.47 -5.95 -4.84
C GLY B 25 16.25 -5.16 -4.41
N PHE B 26 16.19 -4.70 -3.17
CA PHE B 26 15.06 -3.88 -2.74
C PHE B 26 15.46 -3.08 -1.50
N ASN B 27 14.46 -2.46 -0.86
CA ASN B 27 14.69 -1.41 0.12
C ASN B 27 13.71 -1.59 1.27
N VAL B 28 14.08 -1.06 2.43
CA VAL B 28 13.26 -1.23 3.63
C VAL B 28 12.04 -0.33 3.66
N TYR B 29 11.99 0.72 2.85
CA TYR B 29 10.85 1.62 2.87
C TYR B 29 9.75 1.21 1.92
N SER B 30 10.08 0.49 0.85
CA SER B 30 9.07 -0.03 -0.06
C SER B 30 8.62 -1.43 0.30
N SER B 31 9.18 -2.02 1.36
CA SER B 31 8.84 -3.38 1.75
C SER B 31 8.76 -3.48 3.27
N SER B 32 8.14 -4.56 3.72
CA SER B 32 8.02 -4.88 5.14
C SER B 32 8.83 -6.12 5.44
N ILE B 33 9.59 -6.09 6.53
CA ILE B 33 10.49 -7.16 6.92
C ILE B 33 9.88 -7.91 8.09
N HIS B 34 9.83 -9.24 7.99
CA HIS B 34 9.16 -10.11 8.94
C HIS B 34 10.14 -11.14 9.49
N TRP B 35 9.86 -11.62 10.70
CA TRP B 35 10.53 -12.78 11.26
C TRP B 35 9.53 -13.90 11.47
N VAL B 36 9.86 -15.09 11.00
CA VAL B 36 9.07 -16.28 11.17
C VAL B 36 9.99 -17.37 11.72
N ARG B 37 9.58 -17.99 12.83
CA ARG B 37 10.42 -18.97 13.50
C ARG B 37 9.78 -20.34 13.44
N GLN B 38 10.62 -21.36 13.36
CA GLN B 38 10.19 -22.74 13.14
C GLN B 38 10.94 -23.67 14.09
N ALA B 39 10.30 -24.00 15.22
CA ALA B 39 10.90 -24.93 16.15
C ALA B 39 11.06 -26.30 15.50
N PRO B 40 12.09 -27.05 15.88
CA PRO B 40 12.36 -28.33 15.20
C PRO B 40 11.15 -29.26 15.23
N GLY B 41 10.80 -29.79 14.07
CA GLY B 41 9.66 -30.70 13.95
C GLY B 41 8.30 -30.02 13.96
N LYS B 42 8.25 -28.71 14.12
CA LYS B 42 7.00 -27.97 14.21
C LYS B 42 6.86 -27.03 13.02
N GLY B 43 5.66 -26.44 12.91
CA GLY B 43 5.35 -25.54 11.82
C GLY B 43 5.82 -24.13 12.09
N LEU B 44 5.48 -23.24 11.16
CA LEU B 44 5.95 -21.87 11.23
C LEU B 44 5.20 -21.09 12.29
N GLU B 45 5.77 -19.94 12.65
CA GLU B 45 5.13 -19.02 13.58
C GLU B 45 5.66 -17.63 13.34
N TRP B 46 4.76 -16.66 13.25
CA TRP B 46 5.18 -15.28 13.12
C TRP B 46 5.80 -14.83 14.44
N VAL B 47 6.91 -14.12 14.36
CA VAL B 47 7.59 -13.62 15.55
C VAL B 47 7.38 -12.12 15.66
N ALA B 48 7.86 -11.39 14.66
CA ALA B 48 7.77 -9.93 14.66
C ALA B 48 7.83 -9.44 13.23
N SER B 49 7.45 -8.17 13.04
CA SER B 49 7.51 -7.54 11.74
C SER B 49 7.65 -6.04 11.94
N ILE B 50 8.36 -5.41 11.01
CA ILE B 50 8.60 -3.97 11.03
C ILE B 50 8.27 -3.40 9.67
N SER B 51 7.55 -2.30 9.64
CA SER B 51 7.34 -1.50 8.45
C SER B 51 8.05 -0.17 8.70
N SER B 52 9.31 -0.09 8.27
CA SER B 52 10.13 1.09 8.54
C SER B 52 9.52 2.35 7.94
N TYR B 53 8.68 2.19 6.90
CA TYR B 53 8.09 3.33 6.22
C TYR B 53 7.22 4.16 7.17
N TYR B 54 6.44 3.49 8.00
CA TYR B 54 5.45 4.15 8.85
C TYR B 54 5.94 4.41 10.26
N GLY B 55 6.89 3.61 10.75
CA GLY B 55 7.24 3.65 12.16
C GLY B 55 6.50 2.65 13.01
N TYR B 56 6.03 1.55 12.43
CA TYR B 56 5.28 0.53 13.14
C TYR B 56 6.17 -0.69 13.39
N THR B 57 6.16 -1.19 14.61
CA THR B 57 6.79 -2.44 14.98
C THR B 57 5.74 -3.36 15.58
N TYR B 58 5.69 -4.60 15.11
CA TYR B 58 4.70 -5.58 15.53
C TYR B 58 5.38 -6.79 16.16
N TYR B 59 4.71 -7.43 17.11
CA TYR B 59 5.26 -8.57 17.82
C TYR B 59 4.15 -9.57 18.11
N ALA B 60 4.55 -10.82 18.31
CA ALA B 60 3.65 -11.84 18.84
C ALA B 60 3.76 -11.87 20.36
N ASP B 61 2.65 -12.25 21.00
CA ASP B 61 2.62 -12.31 22.46
C ASP B 61 3.50 -13.43 23.01
N SER B 62 3.85 -14.43 22.20
CA SER B 62 4.75 -15.49 22.63
C SER B 62 6.17 -15.01 22.81
N VAL B 63 6.53 -13.84 22.29
CA VAL B 63 7.85 -13.26 22.43
C VAL B 63 7.82 -11.81 22.87
N LYS B 64 6.65 -11.28 23.24
CA LYS B 64 6.53 -9.87 23.59
C LYS B 64 7.38 -9.54 24.81
N GLY B 65 7.99 -8.36 24.80
CA GLY B 65 8.75 -7.86 25.91
C GLY B 65 10.22 -8.24 25.89
N ARG B 66 10.55 -9.35 25.24
CA ARG B 66 11.93 -9.85 25.15
C ARG B 66 12.55 -9.51 23.80
N PHE B 67 11.90 -9.92 22.72
CA PHE B 67 12.39 -9.70 21.38
C PHE B 67 12.18 -8.26 20.96
N THR B 68 13.18 -7.69 20.29
CA THR B 68 13.09 -6.35 19.72
C THR B 68 13.47 -6.42 18.25
N ILE B 69 12.62 -5.84 17.39
CA ILE B 69 12.86 -5.80 15.95
C ILE B 69 13.23 -4.38 15.55
N SER B 70 14.22 -4.27 14.67
CA SER B 70 14.67 -2.98 14.16
C SER B 70 15.35 -3.20 12.82
N ALA B 71 15.59 -2.10 12.11
CA ALA B 71 16.22 -2.15 10.81
C ALA B 71 17.27 -1.06 10.70
N ASP B 72 18.39 -1.39 10.07
CA ASP B 72 19.46 -0.42 9.80
C ASP B 72 19.14 0.26 8.48
N THR B 73 18.77 1.53 8.55
CA THR B 73 18.26 2.24 7.38
C THR B 73 19.31 2.34 6.28
N SER B 74 20.56 2.63 6.65
CA SER B 74 21.60 2.88 5.66
C SER B 74 22.07 1.62 4.94
N LYS B 75 21.70 0.44 5.41
CA LYS B 75 22.21 -0.79 4.80
C LYS B 75 21.14 -1.87 4.66
N ASN B 76 19.87 -1.50 4.71
CA ASN B 76 18.73 -2.37 4.43
C ASN B 76 18.65 -3.61 5.32
N THR B 77 19.44 -3.67 6.39
CA THR B 77 19.56 -4.89 7.17
C THR B 77 18.66 -4.83 8.41
N ALA B 78 17.92 -5.90 8.64
CA ALA B 78 17.04 -6.01 9.79
C ALA B 78 17.74 -6.75 10.93
N TYR B 79 17.25 -6.52 12.15
CA TYR B 79 17.80 -7.10 13.36
C TYR B 79 16.69 -7.68 14.23
N LEU B 80 17.09 -8.50 15.20
CA LEU B 80 16.17 -9.06 16.18
C LEU B 80 16.95 -9.25 17.48
N GLN B 81 16.87 -8.25 18.36
CA GLN B 81 17.58 -8.29 19.63
C GLN B 81 16.82 -9.22 20.57
N MET B 82 17.31 -10.44 20.72
CA MET B 82 16.64 -11.48 21.51
C MET B 82 17.18 -11.46 22.93
N ASN B 83 16.45 -10.82 23.85
CA ASN B 83 16.79 -10.86 25.25
C ASN B 83 16.04 -11.98 25.97
N SER B 84 16.63 -12.45 27.07
CA SER B 84 15.98 -13.37 28.01
C SER B 84 15.42 -14.61 27.32
N LEU B 85 16.31 -15.38 26.70
CA LEU B 85 15.89 -16.54 25.94
C LEU B 85 15.47 -17.69 26.86
N ARG B 86 14.63 -18.57 26.31
CA ARG B 86 14.10 -19.72 27.03
C ARG B 86 14.02 -20.91 26.09
N ALA B 87 13.81 -22.09 26.68
CA ALA B 87 14.05 -23.36 25.99
C ALA B 87 13.28 -23.47 24.67
N GLU B 88 11.98 -23.13 24.69
CA GLU B 88 11.18 -23.32 23.47
C GLU B 88 11.52 -22.31 22.39
N ASP B 89 12.34 -21.31 22.67
CA ASP B 89 12.80 -20.41 21.63
C ASP B 89 13.83 -21.05 20.71
N THR B 90 14.07 -22.36 20.78
CA THR B 90 14.91 -23.03 19.79
C THR B 90 14.11 -23.23 18.50
N ALA B 91 14.69 -22.82 17.38
CA ALA B 91 13.99 -22.84 16.11
C ALA B 91 14.95 -22.45 14.99
N VAL B 92 14.53 -22.72 13.75
CA VAL B 92 15.13 -22.12 12.57
C VAL B 92 14.42 -20.80 12.30
N TYR B 93 15.17 -19.71 12.30
CA TYR B 93 14.60 -18.37 12.28
C TYR B 93 14.83 -17.73 10.91
N TYR B 94 13.73 -17.46 10.20
CA TYR B 94 13.79 -16.92 8.85
C TYR B 94 13.47 -15.43 8.84
N CYS B 95 14.16 -14.71 7.96
CA CYS B 95 13.73 -13.38 7.56
C CYS B 95 12.71 -13.49 6.43
N ALA B 96 11.76 -12.56 6.42
CA ALA B 96 10.76 -12.52 5.37
C ALA B 96 10.55 -11.08 4.94
N ARG B 97 10.21 -10.91 3.67
CA ARG B 97 9.96 -9.60 3.09
C ARG B 97 8.64 -9.64 2.34
N SER B 98 7.86 -8.58 2.47
CA SER B 98 6.61 -8.45 1.75
C SER B 98 6.41 -6.99 1.36
N ARG B 99 5.53 -6.78 0.38
CA ARG B 99 5.34 -5.47 -0.22
C ARG B 99 4.71 -4.50 0.77
N GLN B 100 5.20 -3.27 0.80
CA GLN B 100 4.54 -2.23 1.59
C GLN B 100 3.26 -1.74 0.92
N PHE B 101 3.31 -1.52 -0.40
CA PHE B 101 2.18 -0.97 -1.16
C PHE B 101 1.86 -1.95 -2.28
N TRP B 102 1.04 -2.96 -1.99
CA TRP B 102 0.47 -3.26 -0.69
C TRP B 102 0.71 -4.72 -0.38
N TYR B 103 0.81 -5.04 0.90
CA TYR B 103 1.12 -6.38 1.39
C TYR B 103 0.30 -7.42 0.63
N SER B 104 0.98 -8.35 -0.03
CA SER B 104 0.32 -9.33 -0.88
C SER B 104 0.93 -10.71 -0.69
N GLY B 105 1.32 -11.04 0.51
CA GLY B 105 1.99 -12.29 0.84
C GLY B 105 3.50 -12.14 0.90
N LEU B 106 4.12 -12.96 1.73
CA LEU B 106 5.57 -12.92 1.89
C LEU B 106 6.23 -13.62 0.71
N ASP B 107 6.90 -12.84 -0.14
CA ASP B 107 7.41 -13.37 -1.40
C ASP B 107 8.88 -13.76 -1.32
N TYR B 108 9.71 -12.95 -0.67
CA TYR B 108 11.14 -13.20 -0.57
C TYR B 108 11.49 -13.61 0.85
N TRP B 109 11.99 -14.84 1.00
CA TRP B 109 12.49 -15.36 2.26
C TRP B 109 13.94 -15.78 2.08
N GLY B 110 14.74 -15.61 3.12
CA GLY B 110 16.07 -16.17 3.15
C GLY B 110 16.08 -17.55 3.80
N GLN B 111 17.23 -18.21 3.71
CA GLN B 111 17.36 -19.55 4.27
C GLN B 111 17.49 -19.54 5.78
N GLY B 112 17.77 -18.41 6.38
CA GLY B 112 17.73 -18.28 7.82
C GLY B 112 18.85 -19.00 8.53
N THR B 113 18.85 -18.87 9.86
CA THR B 113 19.89 -19.42 10.71
C THR B 113 19.25 -20.19 11.85
N LEU B 114 19.91 -21.28 12.26
CA LEU B 114 19.40 -22.12 13.33
C LEU B 114 19.86 -21.56 14.67
N VAL B 115 18.90 -21.31 15.56
CA VAL B 115 19.15 -20.80 16.91
C VAL B 115 18.78 -21.89 17.90
N THR B 116 19.69 -22.20 18.81
CA THR B 116 19.50 -23.24 19.81
C THR B 116 19.74 -22.69 21.21
N VAL B 117 18.83 -23.01 22.12
CA VAL B 117 18.96 -22.62 23.51
C VAL B 117 19.33 -23.84 24.32
N ASP C 1 -7.42 -12.17 17.77
CA ASP C 1 -6.54 -13.26 17.37
C ASP C 1 -7.38 -14.33 16.68
N ILE C 2 -6.90 -14.81 15.53
CA ILE C 2 -7.67 -15.71 14.67
C ILE C 2 -6.96 -17.05 14.63
N GLN C 3 -7.62 -18.10 15.12
CA GLN C 3 -7.15 -19.45 14.91
C GLN C 3 -7.39 -19.84 13.46
N MET C 4 -6.52 -20.70 12.94
CA MET C 4 -6.53 -21.00 11.52
C MET C 4 -6.40 -22.50 11.28
N THR C 5 -7.27 -23.27 11.94
CA THR C 5 -7.24 -24.73 11.84
C THR C 5 -7.15 -25.18 10.39
N GLN C 6 -6.13 -25.99 10.10
CA GLN C 6 -5.83 -26.45 8.76
C GLN C 6 -5.84 -27.97 8.73
N SER C 7 -6.39 -28.54 7.66
CA SER C 7 -6.52 -29.99 7.58
C SER C 7 -6.58 -30.38 6.11
N PRO C 8 -6.16 -31.60 5.76
CA PRO C 8 -5.49 -32.58 6.63
C PRO C 8 -4.04 -32.20 6.87
N SER C 9 -3.42 -32.68 7.94
CA SER C 9 -2.03 -32.33 8.21
C SER C 9 -1.07 -33.08 7.31
N SER C 10 -1.47 -34.25 6.81
CA SER C 10 -0.66 -35.00 5.87
C SER C 10 -1.59 -35.76 4.94
N LEU C 11 -1.14 -35.99 3.71
CA LEU C 11 -1.95 -36.72 2.74
C LEU C 11 -1.05 -37.41 1.73
N SER C 12 -1.52 -38.55 1.23
CA SER C 12 -0.82 -39.33 0.23
C SER C 12 -1.37 -39.02 -1.15
N ALA C 13 -0.48 -38.75 -2.10
CA ALA C 13 -0.90 -38.43 -3.46
C ALA C 13 0.17 -38.88 -4.44
N SER C 14 -0.26 -39.54 -5.51
CA SER C 14 0.63 -39.94 -6.59
C SER C 14 0.79 -38.80 -7.58
N VAL C 15 1.73 -38.97 -8.50
CA VAL C 15 1.96 -37.96 -9.52
C VAL C 15 0.73 -37.86 -10.41
N GLY C 16 0.34 -36.63 -10.74
CA GLY C 16 -0.85 -36.40 -11.54
C GLY C 16 -2.16 -36.50 -10.79
N ASP C 17 -2.12 -36.59 -9.47
CA ASP C 17 -3.33 -36.61 -8.66
C ASP C 17 -3.75 -35.18 -8.30
N ARG C 18 -4.96 -35.06 -7.76
CA ARG C 18 -5.52 -33.77 -7.35
C ARG C 18 -5.47 -33.65 -5.84
N VAL C 19 -5.00 -32.51 -5.36
CA VAL C 19 -4.82 -32.26 -3.94
C VAL C 19 -5.49 -30.93 -3.58
N THR C 20 -6.26 -30.94 -2.49
CA THR C 20 -6.91 -29.74 -2.00
C THR C 20 -6.64 -29.60 -0.51
N ILE C 21 -6.32 -28.39 -0.08
CA ILE C 21 -5.99 -28.07 1.31
C ILE C 21 -6.99 -27.04 1.80
N THR C 22 -7.60 -27.32 2.95
CA THR C 22 -8.64 -26.46 3.52
C THR C 22 -8.10 -25.76 4.76
N CYS C 23 -8.24 -24.43 4.78
CA CYS C 23 -7.82 -23.60 5.90
C CYS C 23 -9.03 -22.82 6.39
N ARG C 24 -9.47 -23.11 7.62
CA ARG C 24 -10.71 -22.58 8.16
C ARG C 24 -10.38 -21.64 9.31
N ALA C 25 -10.94 -20.43 9.26
CA ALA C 25 -10.63 -19.40 10.23
C ALA C 25 -11.74 -19.23 11.25
N SER C 26 -11.40 -18.63 12.40
CA SER C 26 -12.35 -18.34 13.45
C SER C 26 -13.15 -17.06 13.18
N GLN C 27 -12.83 -16.33 12.12
CA GLN C 27 -13.55 -15.14 11.72
C GLN C 27 -13.45 -15.03 10.20
N SER C 28 -14.24 -14.11 9.65
CA SER C 28 -13.98 -13.67 8.30
C SER C 28 -12.77 -12.73 8.31
N VAL C 29 -11.85 -12.97 7.39
CA VAL C 29 -10.63 -12.18 7.27
C VAL C 29 -10.60 -11.56 5.89
N SER C 30 -11.78 -11.22 5.37
CA SER C 30 -11.98 -10.90 3.96
C SER C 30 -11.42 -12.04 3.11
N SER C 31 -10.70 -11.69 2.03
CA SER C 31 -10.00 -12.66 1.22
C SER C 31 -8.50 -12.65 1.48
N ALA C 32 -8.08 -12.05 2.60
CA ALA C 32 -6.66 -11.92 2.93
C ALA C 32 -6.12 -13.27 3.41
N VAL C 33 -5.72 -14.09 2.44
CA VAL C 33 -5.14 -15.40 2.70
C VAL C 33 -3.99 -15.64 1.73
N ALA C 34 -2.88 -16.18 2.24
CA ALA C 34 -1.74 -16.55 1.43
C ALA C 34 -1.39 -18.00 1.70
N TRP C 35 -0.72 -18.62 0.72
CA TRP C 35 -0.28 -20.00 0.81
C TRP C 35 1.21 -20.07 0.51
N TYR C 36 1.91 -20.92 1.25
CA TYR C 36 3.37 -21.06 1.12
C TYR C 36 3.75 -22.52 1.00
N GLN C 37 4.84 -22.76 0.27
CA GLN C 37 5.39 -24.09 0.10
C GLN C 37 6.76 -24.16 0.79
N GLN C 38 7.09 -25.33 1.32
CA GLN C 38 8.35 -25.51 2.03
C GLN C 38 8.84 -26.95 1.87
N LYS C 39 9.85 -27.14 1.03
CA LYS C 39 10.56 -28.41 0.99
C LYS C 39 11.38 -28.59 2.25
N PRO C 40 11.69 -29.83 2.64
CA PRO C 40 12.37 -30.05 3.93
C PRO C 40 13.69 -29.30 4.01
N GLY C 41 13.78 -28.38 4.95
CA GLY C 41 14.98 -27.61 5.22
C GLY C 41 15.07 -26.28 4.50
N LYS C 42 14.28 -26.06 3.46
CA LYS C 42 14.39 -24.85 2.67
C LYS C 42 13.44 -23.77 3.18
N ALA C 43 13.69 -22.54 2.74
CA ALA C 43 12.86 -21.41 3.13
C ALA C 43 11.47 -21.54 2.50
N PRO C 44 10.43 -21.02 3.18
CA PRO C 44 9.10 -21.02 2.57
C PRO C 44 9.03 -20.06 1.40
N LYS C 45 8.18 -20.40 0.44
CA LYS C 45 7.97 -19.58 -0.76
C LYS C 45 6.49 -19.42 -1.02
N LEU C 46 6.09 -18.20 -1.39
CA LEU C 46 4.69 -17.93 -1.66
C LEU C 46 4.21 -18.64 -2.93
N LEU C 47 2.98 -19.12 -2.89
CA LEU C 47 2.32 -19.70 -4.05
C LEU C 47 1.10 -18.91 -4.48
N ILE C 48 0.15 -18.67 -3.58
CA ILE C 48 -1.11 -18.01 -3.88
C ILE C 48 -1.33 -16.91 -2.86
N TYR C 49 -1.80 -15.75 -3.32
CA TYR C 49 -2.07 -14.61 -2.44
C TYR C 49 -3.45 -14.05 -2.76
N SER C 50 -4.00 -13.30 -1.80
CA SER C 50 -5.38 -12.84 -1.85
C SER C 50 -6.34 -13.99 -2.14
N ALA C 51 -5.96 -15.18 -1.71
CA ALA C 51 -6.80 -16.37 -1.64
C ALA C 51 -7.18 -16.91 -3.01
N SER C 52 -6.90 -16.16 -4.07
CA SER C 52 -7.11 -16.65 -5.43
C SER C 52 -6.00 -16.31 -6.42
N SER C 53 -5.23 -15.25 -6.19
CA SER C 53 -4.27 -14.79 -7.18
C SER C 53 -2.97 -15.57 -7.09
N LEU C 54 -2.31 -15.76 -8.22
CA LEU C 54 -1.13 -16.58 -8.35
C LEU C 54 0.10 -15.68 -8.51
N TYR C 55 1.15 -15.96 -7.75
CA TYR C 55 2.33 -15.11 -7.72
C TYR C 55 3.17 -15.32 -8.97
N SER C 56 4.01 -14.32 -9.28
CA SER C 56 4.78 -14.34 -10.50
C SER C 56 5.70 -15.56 -10.55
N GLY C 57 5.56 -16.35 -11.62
CA GLY C 57 6.38 -17.52 -11.82
C GLY C 57 5.82 -18.80 -11.23
N VAL C 58 4.82 -18.72 -10.37
CA VAL C 58 4.24 -19.92 -9.77
C VAL C 58 3.53 -20.73 -10.85
N PRO C 59 3.68 -22.05 -10.88
CA PRO C 59 3.09 -22.84 -11.97
C PRO C 59 1.58 -22.73 -12.04
N SER C 60 1.04 -23.05 -13.21
CA SER C 60 -0.39 -22.89 -13.48
C SER C 60 -1.25 -23.87 -12.71
N ARG C 61 -0.67 -24.94 -12.18
CA ARG C 61 -1.43 -25.94 -11.44
C ARG C 61 -1.75 -25.49 -10.02
N PHE C 62 -1.18 -24.38 -9.56
CA PHE C 62 -1.51 -23.82 -8.26
C PHE C 62 -2.67 -22.83 -8.39
N SER C 63 -3.63 -22.94 -7.49
CA SER C 63 -4.83 -22.10 -7.55
C SER C 63 -5.38 -21.90 -6.15
N GLY C 64 -6.17 -20.85 -6.00
CA GLY C 64 -6.81 -20.53 -4.74
C GLY C 64 -8.32 -20.40 -4.91
N SER C 65 -9.05 -20.73 -3.85
CA SER C 65 -10.50 -20.67 -3.89
C SER C 65 -11.02 -20.29 -2.50
N ARG C 66 -12.09 -19.52 -2.48
CA ARG C 66 -12.72 -19.07 -1.24
C ARG C 66 -14.20 -19.40 -1.25
N SER C 67 -14.71 -19.87 -0.10
CA SER C 67 -16.15 -19.98 0.14
C SER C 67 -16.42 -19.53 1.56
N GLY C 68 -16.62 -18.23 1.74
CA GLY C 68 -16.99 -17.67 3.02
C GLY C 68 -15.86 -17.58 4.01
N THR C 69 -15.52 -18.71 4.62
CA THR C 69 -14.40 -18.82 5.55
C THR C 69 -13.67 -20.15 5.40
N ASP C 70 -13.72 -20.76 4.23
CA ASP C 70 -13.12 -22.06 4.00
C ASP C 70 -12.07 -21.97 2.90
N PHE C 71 -11.14 -21.01 3.02
CA PHE C 71 -10.13 -20.78 1.99
C PHE C 71 -9.43 -22.08 1.63
N THR C 72 -9.20 -22.27 0.35
CA THR C 72 -8.69 -23.55 -0.14
C THR C 72 -7.62 -23.31 -1.19
N LEU C 73 -6.55 -24.11 -1.09
CA LEU C 73 -5.51 -24.17 -2.11
C LEU C 73 -5.70 -25.45 -2.90
N THR C 74 -5.83 -25.32 -4.21
CA THR C 74 -6.05 -26.46 -5.09
C THR C 74 -4.86 -26.63 -6.02
N ILE C 75 -4.27 -27.82 -6.02
CA ILE C 75 -3.18 -28.17 -6.91
C ILE C 75 -3.75 -29.07 -7.99
N SER C 76 -3.66 -28.63 -9.25
CA SER C 76 -4.38 -29.31 -10.31
C SER C 76 -3.78 -30.68 -10.62
N SER C 77 -2.46 -30.77 -10.64
CA SER C 77 -1.78 -32.04 -10.94
C SER C 77 -0.47 -32.04 -10.18
N LEU C 78 -0.37 -32.90 -9.17
CA LEU C 78 0.78 -32.89 -8.28
C LEU C 78 2.00 -33.42 -9.01
N GLN C 79 2.94 -32.54 -9.30
CA GLN C 79 4.21 -32.86 -9.93
C GLN C 79 5.21 -33.30 -8.86
N PRO C 80 6.26 -34.04 -9.25
CA PRO C 80 7.20 -34.54 -8.25
C PRO C 80 7.93 -33.44 -7.49
N GLU C 81 8.00 -32.23 -8.02
CA GLU C 81 8.65 -31.14 -7.31
C GLU C 81 7.76 -30.50 -6.25
N ASP C 82 6.46 -30.80 -6.25
CA ASP C 82 5.55 -30.10 -5.35
C ASP C 82 5.51 -30.67 -3.94
N PHE C 83 6.05 -31.87 -3.70
CA PHE C 83 5.99 -32.46 -2.38
C PHE C 83 6.72 -31.59 -1.37
N ALA C 84 5.96 -31.08 -0.40
CA ALA C 84 6.45 -30.14 0.58
C ALA C 84 5.38 -29.99 1.67
N THR C 85 5.58 -29.04 2.56
CA THR C 85 4.60 -28.70 3.57
C THR C 85 4.05 -27.31 3.27
N TYR C 86 2.72 -27.20 3.26
CA TYR C 86 2.05 -25.97 2.84
C TYR C 86 1.40 -25.26 4.02
N TYR C 87 1.53 -23.94 4.04
CA TYR C 87 1.11 -23.12 5.17
C TYR C 87 0.16 -22.04 4.72
N CYS C 88 -1.01 -21.98 5.35
CA CYS C 88 -2.00 -20.93 5.14
C CYS C 88 -1.76 -19.78 6.11
N GLN C 89 -2.13 -18.57 5.67
CA GLN C 89 -1.82 -17.35 6.42
C GLN C 89 -2.93 -16.34 6.20
N GLN C 90 -3.67 -16.00 7.27
CA GLN C 90 -4.42 -14.75 7.23
C GLN C 90 -3.45 -13.60 7.42
N TYR C 91 -3.72 -12.49 6.76
CA TYR C 91 -2.93 -11.28 6.96
C TYR C 91 -3.81 -10.04 7.01
N LYS C 92 -5.03 -10.21 7.49
CA LYS C 92 -5.94 -9.10 7.72
C LYS C 92 -5.82 -8.49 9.12
N TYR C 93 -5.23 -9.22 10.07
CA TYR C 93 -5.14 -8.75 11.45
C TYR C 93 -3.77 -9.06 12.04
N VAL C 94 -3.43 -8.30 13.07
CA VAL C 94 -2.25 -8.52 13.91
C VAL C 94 -2.74 -9.03 15.26
N PRO C 95 -2.14 -10.08 15.85
CA PRO C 95 -0.96 -10.83 15.41
C PRO C 95 -1.23 -11.74 14.22
N VAL C 96 -0.34 -11.68 13.22
CA VAL C 96 -0.50 -12.50 12.03
C VAL C 96 -0.33 -13.96 12.41
N THR C 97 -1.08 -14.83 11.75
CA THR C 97 -1.15 -16.22 12.17
C THR C 97 -0.97 -17.13 10.97
N PHE C 98 -0.23 -18.22 11.18
CA PHE C 98 0.01 -19.24 10.18
C PHE C 98 -0.76 -20.50 10.56
N GLY C 99 -1.02 -21.33 9.56
CA GLY C 99 -1.57 -22.63 9.81
C GLY C 99 -0.54 -23.57 10.37
N GLN C 100 -1.01 -24.76 10.76
CA GLN C 100 -0.12 -25.79 11.30
C GLN C 100 0.64 -26.53 10.22
N GLY C 101 0.36 -26.28 8.96
CA GLY C 101 1.10 -26.92 7.88
C GLY C 101 0.42 -28.19 7.39
N THR C 102 0.57 -28.44 6.10
CA THR C 102 0.10 -29.67 5.47
C THR C 102 1.22 -30.25 4.63
N LYS C 103 1.73 -31.40 5.03
CA LYS C 103 2.77 -32.09 4.29
C LYS C 103 2.16 -33.07 3.30
N VAL C 104 2.91 -33.33 2.23
CA VAL C 104 2.50 -34.27 1.20
C VAL C 104 3.57 -35.36 1.07
N GLU C 105 3.13 -36.57 0.79
CA GLU C 105 4.02 -37.71 0.73
C GLU C 105 3.55 -38.66 -0.35
N ILE C 106 4.46 -39.52 -0.80
CA ILE C 106 4.13 -40.52 -1.81
C ILE C 106 3.57 -41.76 -1.14
N GLU D 1 -23.89 2.85 9.28
CA GLU D 1 -23.75 1.62 10.03
C GLU D 1 -22.39 0.98 9.71
N ASN D 2 -22.40 -0.06 8.87
CA ASN D 2 -21.17 -0.76 8.48
C ASN D 2 -21.28 -1.33 7.07
N TPO D 3 -20.13 -1.72 6.51
CA TPO D 3 -20.07 -2.22 5.14
CB TPO D 3 -19.16 -1.34 4.32
CG2 TPO D 3 -19.05 -1.91 2.90
OG1 TPO D 3 -19.70 -0.03 4.26
P TPO D 3 -18.55 0.91 4.86
O1P TPO D 3 -18.32 0.55 6.41
O2P TPO D 3 -18.98 2.46 4.74
O3P TPO D 3 -17.31 0.68 4.11
C TPO D 3 -19.57 -3.65 5.08
O TPO D 3 -18.52 -3.98 5.62
N VAL D 4 -20.33 -4.51 4.42
CA VAL D 4 -19.93 -5.90 4.27
C VAL D 4 -19.64 -6.23 2.82
N SEP D 5 -19.09 -7.42 2.60
CA SEP D 5 -18.81 -7.91 1.27
CB SEP D 5 -17.35 -8.39 1.16
OG SEP D 5 -17.22 -9.70 1.66
C SEP D 5 -19.73 -9.07 0.96
O SEP D 5 -20.08 -9.83 1.85
P SEP D 5 -15.74 -9.95 2.23
O1P SEP D 5 -15.69 -11.42 2.91
O2P SEP D 5 -15.42 -8.84 3.33
O3P SEP D 5 -14.66 -9.87 1.04
N TPO D 6 -20.13 -9.21 -0.30
CA TPO D 6 -20.93 -10.37 -0.68
CB TPO D 6 -22.42 -10.07 -0.55
CG2 TPO D 6 -22.85 -9.00 -1.55
OG1 TPO D 6 -23.17 -11.26 -0.79
P TPO D 6 -24.06 -11.54 0.50
O1P TPO D 6 -23.11 -11.85 1.77
O2P TPO D 6 -24.90 -10.36 0.79
O3P TPO D 6 -25.01 -12.81 0.25
C TPO D 6 -20.59 -10.85 -2.08
O TPO D 6 -20.04 -10.11 -2.90
N SEP D 7 -20.93 -12.11 -2.34
CA SEP D 7 -20.63 -12.73 -3.63
CB SEP D 7 -21.04 -14.18 -3.56
OG SEP D 7 -21.03 -14.74 -4.89
C SEP D 7 -21.38 -12.01 -4.76
O SEP D 7 -22.19 -11.11 -4.45
P SEP D 7 -20.18 -16.07 -5.12
O1P SEP D 7 -20.83 -17.13 -4.27
O2P SEP D 7 -18.77 -15.73 -4.67
O3P SEP D 7 -20.27 -16.37 -6.60
N LEU D 8 -21.11 -12.39 -6.01
CA LEU D 8 -21.79 -11.81 -7.16
C LEU D 8 -22.70 -12.87 -7.75
N GLY D 9 -22.65 -14.06 -7.18
CA GLY D 9 -23.46 -15.17 -7.65
C GLY D 9 -22.96 -15.72 -8.99
#